data_9QZJ
#
_entry.id   9QZJ
#
_entity_poly.entity_id   1
_entity_poly.type   'polyribonucleotide'
_entity_poly.pdbx_seq_one_letter_code
;GGUUCACCUACAGUGAACC
;
_entity_poly.pdbx_strand_id   A
#